data_1N51
#
_entry.id   1N51
#
_cell.length_a   139.319
_cell.length_b   139.319
_cell.length_c   231.005
_cell.angle_alpha   90.00
_cell.angle_beta   90.00
_cell.angle_gamma   90.00
#
_symmetry.space_group_name_H-M   'I 41 2 2'
#
loop_
_entity.id
_entity.type
_entity.pdbx_description
1 polymer 'Xaa-Pro aminopeptidase'
2 polymer apstatin
3 non-polymer 'MANGANESE (II) ION'
4 water water
#
loop_
_entity_poly.entity_id
_entity_poly.type
_entity_poly.pdbx_seq_one_letter_code
_entity_poly.pdbx_strand_id
1 'polypeptide(L)'
;SEISRQEFQRRRQALVEQMQPGSAALIFAAPEVTRSADSEYPYRQNSDFWYFTGFNEPEAVLVLIKSDDTHNHSVLFNRV
RDLTAEIWFGRRLGQDAAPEKLGVDRALAFSEINQQLYQLLNGLDVVYHAQGEYAYADVIVNSALEKLRKGSRQNLTAPA
TMIDWRPVVHEMRLFKSPEEIAVLRRAGEITAMAHTRAMEKCRPGMFEYHLEGEIHHEFNRHGARYPSYNTIVGSGENGC
ILHYTENECEMRDGDLVLIDAGCEYKGYAGDITRTFPVNGKFTQAQREIYDIVLESLETSLRLYRPGTSILEVTGEVVRI
MVSGLVKLGILKGDVDELIAQNAHRPFFMHGLSHWLGLDVHDVGVYGQDRSRILEPGMVLTVEPGLYIAPDAEVPEQYRG
IGIRIEDDIVITETGNENLTASVVKKPEEIEALMVAARKQ
;
A
2 'polypeptide(L)' (01B)PPA(NH2) B
#
loop_
_chem_comp.id
_chem_comp.type
_chem_comp.name
_chem_comp.formula
01B peptide-like '(2S,3R)-3-amino-2-hydroxy-4-phenylbutanoic acid' 'C10 H13 N O3'
MN non-polymer 'MANGANESE (II) ION' 'Mn 2'
NH2 non-polymer 'AMINO GROUP' 'H2 N'
#
# COMPACT_ATOMS: atom_id res chain seq x y z
N SER A 1 -16.36 -5.74 -6.63
CA SER A 1 -16.63 -4.29 -6.41
C SER A 1 -15.65 -3.45 -7.22
N GLU A 2 -15.94 -2.17 -7.37
CA GLU A 2 -15.06 -1.28 -8.13
C GLU A 2 -15.35 0.21 -7.98
N ILE A 3 -14.56 1.01 -8.68
CA ILE A 3 -14.71 2.46 -8.64
C ILE A 3 -15.47 2.94 -9.87
N SER A 4 -16.57 3.65 -9.63
CA SER A 4 -17.43 4.16 -10.69
C SER A 4 -16.92 5.45 -11.33
N ARG A 5 -17.36 5.68 -12.56
CA ARG A 5 -16.99 6.89 -13.29
C ARG A 5 -17.36 8.11 -12.45
N GLN A 6 -18.50 8.04 -11.78
CA GLN A 6 -18.98 9.13 -10.95
C GLN A 6 -17.95 9.45 -9.88
N GLU A 7 -17.42 8.41 -9.25
CA GLU A 7 -16.42 8.60 -8.20
C GLU A 7 -15.20 9.33 -8.74
N PHE A 8 -14.73 8.93 -9.92
CA PHE A 8 -13.57 9.58 -10.51
C PHE A 8 -13.88 11.07 -10.71
N GLN A 9 -15.10 11.37 -11.14
CA GLN A 9 -15.51 12.75 -11.34
C GLN A 9 -15.49 13.49 -10.01
N ARG A 10 -16.06 12.87 -8.98
CA ARG A 10 -16.10 13.48 -7.65
C ARG A 10 -14.69 13.84 -7.17
N ARG A 11 -13.76 12.92 -7.34
CA ARG A 11 -12.39 13.15 -6.90
C ARG A 11 -11.77 14.35 -7.61
N ARG A 12 -11.91 14.41 -8.93
CA ARG A 12 -11.37 15.54 -9.68
C ARG A 12 -11.99 16.84 -9.18
N GLN A 13 -13.30 16.85 -8.98
CA GLN A 13 -13.99 18.03 -8.51
C GLN A 13 -13.54 18.42 -7.11
N ALA A 14 -13.28 17.42 -6.27
CA ALA A 14 -12.84 17.69 -4.91
C ALA A 14 -11.46 18.35 -4.91
N LEU A 15 -10.63 18.01 -5.90
CA LEU A 15 -9.30 18.60 -5.99
C LEU A 15 -9.44 20.02 -6.55
N VAL A 16 -10.26 20.17 -7.58
CA VAL A 16 -10.48 21.47 -8.19
C VAL A 16 -11.06 22.46 -7.17
N GLU A 17 -11.94 21.95 -6.32
CA GLU A 17 -12.58 22.77 -5.29
C GLU A 17 -11.55 23.41 -4.37
N GLN A 18 -10.39 22.77 -4.20
CA GLN A 18 -9.36 23.31 -3.33
C GLN A 18 -8.31 24.14 -4.07
N MET A 19 -8.42 24.18 -5.40
CA MET A 19 -7.47 24.94 -6.21
C MET A 19 -7.86 26.41 -6.33
N GLN A 20 -6.85 27.27 -6.46
CA GLN A 20 -7.09 28.70 -6.62
C GLN A 20 -7.71 28.96 -7.98
N PRO A 21 -8.38 30.10 -8.15
CA PRO A 21 -8.99 30.42 -9.44
C PRO A 21 -7.85 30.78 -10.41
N GLY A 22 -8.00 30.46 -11.69
CA GLY A 22 -6.95 30.77 -12.65
C GLY A 22 -5.72 29.91 -12.42
N SER A 23 -5.93 28.59 -12.39
CA SER A 23 -4.83 27.68 -12.17
C SER A 23 -5.08 26.35 -12.88
N ALA A 24 -4.05 25.51 -12.92
CA ALA A 24 -4.16 24.21 -13.56
C ALA A 24 -3.34 23.19 -12.79
N ALA A 25 -3.89 21.99 -12.63
CA ALA A 25 -3.21 20.92 -11.94
C ALA A 25 -2.72 19.93 -13.01
N LEU A 26 -1.45 19.54 -12.92
CA LEU A 26 -0.87 18.61 -13.89
C LEU A 26 -0.51 17.30 -13.20
N ILE A 27 -1.19 16.23 -13.60
CA ILE A 27 -0.96 14.92 -13.01
C ILE A 27 -0.46 13.95 -14.09
N PHE A 28 0.78 13.50 -13.94
CA PHE A 28 1.40 12.61 -14.92
C PHE A 28 1.32 11.14 -14.62
N ALA A 29 1.25 10.35 -15.68
CA ALA A 29 1.19 8.89 -15.56
C ALA A 29 2.60 8.35 -15.31
N ALA A 30 2.67 7.12 -14.84
CA ALA A 30 3.96 6.51 -14.58
C ALA A 30 4.62 6.07 -15.88
N PRO A 31 5.95 6.19 -15.96
CA PRO A 31 6.63 5.77 -17.19
C PRO A 31 6.81 4.25 -17.19
N GLU A 32 6.99 3.67 -18.36
CA GLU A 32 7.21 2.24 -18.46
C GLU A 32 8.59 1.95 -17.87
N VAL A 33 8.79 0.77 -17.31
CA VAL A 33 10.07 0.43 -16.73
C VAL A 33 10.66 -0.86 -17.27
N THR A 34 11.92 -0.77 -17.68
CA THR A 34 12.64 -1.90 -18.24
C THR A 34 12.93 -2.96 -17.21
N ARG A 35 12.72 -4.22 -17.58
CA ARG A 35 13.05 -5.32 -16.68
C ARG A 35 14.43 -5.82 -17.11
N SER A 36 14.61 -5.97 -18.42
CA SER A 36 15.89 -6.41 -18.97
C SER A 36 15.89 -6.23 -20.48
N ALA A 37 16.92 -5.55 -20.98
CA ALA A 37 17.04 -5.30 -22.41
C ALA A 37 15.72 -4.71 -22.93
N ASP A 38 15.10 -5.39 -23.90
CA ASP A 38 13.85 -4.88 -24.47
C ASP A 38 12.57 -5.41 -23.84
N SER A 39 12.66 -6.00 -22.66
CA SER A 39 11.47 -6.50 -21.99
C SER A 39 11.14 -5.58 -20.81
N GLU A 40 9.86 -5.32 -20.60
CA GLU A 40 9.41 -4.44 -19.51
C GLU A 40 8.65 -5.18 -18.44
N TYR A 41 8.63 -4.60 -17.26
CA TYR A 41 7.89 -5.15 -16.14
C TYR A 41 6.41 -4.88 -16.45
N PRO A 42 5.49 -5.68 -15.89
CA PRO A 42 4.07 -5.42 -16.15
C PRO A 42 3.83 -3.98 -15.70
N TYR A 43 3.13 -3.20 -16.52
CA TYR A 43 2.90 -1.80 -16.18
C TYR A 43 2.12 -1.55 -14.90
N ARG A 44 2.57 -0.55 -14.14
CA ARG A 44 1.92 -0.15 -12.90
C ARG A 44 1.70 1.36 -12.95
N GLN A 45 0.44 1.76 -13.04
CA GLN A 45 0.10 3.17 -13.12
C GLN A 45 0.44 3.91 -11.83
N ASN A 46 0.85 5.16 -11.96
CA ASN A 46 1.15 5.98 -10.80
C ASN A 46 -0.13 6.03 -9.98
N SER A 47 -0.02 5.83 -8.68
CA SER A 47 -1.17 5.81 -7.80
C SER A 47 -2.05 7.06 -7.87
N ASP A 48 -1.44 8.23 -7.82
CA ASP A 48 -2.21 9.46 -7.87
C ASP A 48 -2.89 9.66 -9.22
N PHE A 49 -2.22 9.29 -10.30
CA PHE A 49 -2.81 9.42 -11.62
C PHE A 49 -4.01 8.48 -11.70
N TRP A 50 -3.82 7.26 -11.20
CA TRP A 50 -4.87 6.26 -11.21
C TRP A 50 -6.08 6.73 -10.40
N TYR A 51 -5.82 7.29 -9.24
CA TYR A 51 -6.86 7.79 -8.34
C TYR A 51 -7.85 8.71 -9.06
N PHE A 52 -7.36 9.51 -9.99
CA PHE A 52 -8.20 10.45 -10.72
C PHE A 52 -8.70 9.96 -12.08
N THR A 53 -8.29 8.77 -12.52
CA THR A 53 -8.70 8.30 -13.83
C THR A 53 -9.01 6.82 -13.97
N GLY A 54 -8.24 5.97 -13.30
CA GLY A 54 -8.45 4.54 -13.44
C GLY A 54 -7.97 4.15 -14.83
N PHE A 55 -7.17 5.01 -15.44
CA PHE A 55 -6.63 4.81 -16.78
C PHE A 55 -5.25 4.15 -16.67
N ASN A 56 -5.10 2.96 -17.26
CA ASN A 56 -3.85 2.21 -17.16
C ASN A 56 -2.82 2.32 -18.29
N GLU A 57 -2.59 3.52 -18.80
CA GLU A 57 -1.61 3.69 -19.87
C GLU A 57 -0.53 4.70 -19.51
N PRO A 58 0.68 4.51 -20.05
CA PRO A 58 1.77 5.44 -19.78
C PRO A 58 1.63 6.59 -20.78
N GLU A 59 2.51 7.57 -20.70
CA GLU A 59 2.46 8.71 -21.60
C GLU A 59 1.05 9.30 -21.66
N ALA A 60 0.54 9.68 -20.48
CA ALA A 60 -0.76 10.29 -20.36
C ALA A 60 -0.64 11.36 -19.28
N VAL A 61 -1.34 12.48 -19.48
CA VAL A 61 -1.29 13.56 -18.52
C VAL A 61 -2.68 14.15 -18.34
N LEU A 62 -3.13 14.27 -17.09
CA LEU A 62 -4.44 14.84 -16.79
C LEU A 62 -4.24 16.31 -16.43
N VAL A 63 -4.93 17.19 -17.14
CA VAL A 63 -4.83 18.62 -16.87
C VAL A 63 -6.17 19.16 -16.40
N LEU A 64 -6.24 19.58 -15.14
CA LEU A 64 -7.46 20.14 -14.57
C LEU A 64 -7.29 21.65 -14.48
N ILE A 65 -8.10 22.38 -15.25
CA ILE A 65 -8.04 23.83 -15.30
C ILE A 65 -9.22 24.50 -14.58
N LYS A 66 -8.91 25.37 -13.64
CA LYS A 66 -9.96 26.06 -12.89
C LYS A 66 -9.98 27.55 -13.22
N SER A 67 -11.08 27.97 -13.85
CA SER A 67 -11.26 29.37 -14.20
C SER A 67 -11.71 30.15 -12.97
N ASP A 68 -12.73 29.61 -12.30
CA ASP A 68 -13.28 30.22 -11.08
C ASP A 68 -14.08 29.19 -10.29
N ASP A 69 -14.73 29.62 -9.21
CA ASP A 69 -15.51 28.73 -8.36
C ASP A 69 -16.62 27.92 -8.99
N THR A 70 -17.03 28.28 -10.20
CA THR A 70 -18.10 27.54 -10.86
C THR A 70 -17.74 27.12 -12.28
N HIS A 71 -16.50 27.39 -12.69
CA HIS A 71 -16.06 27.01 -14.02
C HIS A 71 -14.70 26.31 -14.02
N ASN A 72 -14.66 25.13 -14.63
CA ASN A 72 -13.43 24.36 -14.74
C ASN A 72 -13.61 23.31 -15.81
N HIS A 73 -12.52 23.03 -16.53
CA HIS A 73 -12.58 22.03 -17.59
C HIS A 73 -11.33 21.17 -17.52
N SER A 74 -11.38 20.02 -18.18
CA SER A 74 -10.25 19.10 -18.16
C SER A 74 -9.73 18.74 -19.54
N VAL A 75 -8.43 18.50 -19.62
CA VAL A 75 -7.78 18.12 -20.86
C VAL A 75 -6.88 16.92 -20.57
N LEU A 76 -7.06 15.85 -21.35
CA LEU A 76 -6.24 14.66 -21.18
C LEU A 76 -5.29 14.51 -22.36
N PHE A 77 -4.02 14.28 -22.04
CA PHE A 77 -3.03 14.03 -23.06
C PHE A 77 -2.78 12.53 -22.98
N ASN A 78 -2.90 11.84 -24.10
CA ASN A 78 -2.66 10.41 -24.11
C ASN A 78 -2.21 9.95 -25.48
N ARG A 79 -1.71 8.72 -25.55
CA ARG A 79 -1.22 8.15 -26.79
C ARG A 79 -2.28 8.10 -27.88
N VAL A 80 -1.87 8.51 -29.09
CA VAL A 80 -2.77 8.50 -30.24
C VAL A 80 -2.93 7.05 -30.70
N ARG A 81 -4.07 6.74 -31.32
CA ARG A 81 -4.26 5.38 -31.82
C ARG A 81 -3.35 5.20 -33.02
N ASP A 82 -2.66 4.05 -33.04
CA ASP A 82 -1.73 3.73 -34.12
C ASP A 82 -1.95 2.26 -34.48
N LEU A 83 -2.37 2.01 -35.72
CA LEU A 83 -2.62 0.65 -36.16
C LEU A 83 -1.43 -0.27 -35.90
N THR A 84 -0.23 0.21 -36.24
CA THR A 84 0.99 -0.56 -36.04
C THR A 84 1.27 -0.86 -34.56
N ALA A 85 1.51 0.19 -33.78
CA ALA A 85 1.81 0.05 -32.36
C ALA A 85 0.83 -0.86 -31.61
N GLU A 86 -0.46 -0.73 -31.92
CA GLU A 86 -1.49 -1.54 -31.26
C GLU A 86 -1.49 -3.02 -31.64
N ILE A 87 -1.28 -3.33 -32.92
CA ILE A 87 -1.23 -4.72 -33.36
C ILE A 87 -0.09 -5.41 -32.62
N TRP A 88 0.83 -4.59 -32.11
CA TRP A 88 1.99 -5.11 -31.38
C TRP A 88 1.84 -5.01 -29.86
N PHE A 89 1.85 -3.78 -29.34
CA PHE A 89 1.79 -3.56 -27.90
C PHE A 89 0.41 -3.26 -27.29
N GLY A 90 -0.60 -4.01 -27.71
CA GLY A 90 -1.95 -3.82 -27.17
C GLY A 90 -2.73 -2.59 -27.60
N ARG A 91 -4.06 -2.71 -27.50
CA ARG A 91 -4.96 -1.62 -27.88
C ARG A 91 -4.76 -0.36 -27.04
N ARG A 92 -4.96 0.80 -27.67
CA ARG A 92 -4.83 2.09 -27.01
C ARG A 92 -6.18 2.76 -27.00
N LEU A 93 -6.40 3.64 -26.03
CA LEU A 93 -7.68 4.34 -25.93
C LEU A 93 -7.84 5.34 -27.06
N GLY A 94 -6.84 6.21 -27.23
CA GLY A 94 -6.91 7.21 -28.28
C GLY A 94 -7.66 8.46 -27.86
N GLN A 95 -7.63 9.50 -28.69
CA GLN A 95 -8.30 10.76 -28.41
C GLN A 95 -9.81 10.74 -28.61
N ASP A 96 -10.28 9.99 -29.60
CA ASP A 96 -11.71 9.94 -29.88
C ASP A 96 -12.58 9.40 -28.76
N ALA A 97 -12.23 8.23 -28.23
CA ALA A 97 -13.02 7.62 -27.17
C ALA A 97 -12.70 8.10 -25.75
N ALA A 98 -11.56 8.76 -25.58
CA ALA A 98 -11.15 9.22 -24.26
C ALA A 98 -12.17 10.09 -23.51
N PRO A 99 -12.66 11.17 -24.13
CA PRO A 99 -13.62 12.05 -23.45
C PRO A 99 -14.79 11.31 -22.80
N GLU A 100 -15.38 10.39 -23.52
CA GLU A 100 -16.51 9.63 -23.01
C GLU A 100 -16.05 8.57 -22.01
N LYS A 101 -15.03 7.82 -22.39
CA LYS A 101 -14.50 6.75 -21.55
C LYS A 101 -14.00 7.23 -20.18
N LEU A 102 -13.19 8.27 -20.17
CA LEU A 102 -12.63 8.79 -18.93
C LEU A 102 -13.34 10.02 -18.37
N GLY A 103 -14.41 10.44 -19.02
CA GLY A 103 -15.15 11.60 -18.56
C GLY A 103 -14.36 12.92 -18.54
N VAL A 104 -13.56 13.15 -19.58
CA VAL A 104 -12.81 14.40 -19.67
C VAL A 104 -13.37 15.23 -20.81
N ASP A 105 -13.25 16.55 -20.69
CA ASP A 105 -13.80 17.46 -21.69
C ASP A 105 -13.08 17.43 -23.04
N ARG A 106 -11.78 17.20 -23.01
CA ARG A 106 -11.01 17.21 -24.25
C ARG A 106 -9.81 16.27 -24.14
N ALA A 107 -9.39 15.71 -25.28
CA ALA A 107 -8.26 14.80 -25.31
C ALA A 107 -7.35 15.12 -26.49
N LEU A 108 -6.06 15.28 -26.19
CA LEU A 108 -5.05 15.59 -27.20
C LEU A 108 -3.97 14.51 -27.20
N ALA A 109 -3.23 14.42 -28.30
CA ALA A 109 -2.17 13.43 -28.43
C ALA A 109 -0.98 13.78 -27.56
N PHE A 110 -0.45 12.80 -26.85
CA PHE A 110 0.71 13.03 -26.00
C PHE A 110 1.88 13.55 -26.82
N SER A 111 1.97 13.13 -28.08
CA SER A 111 3.05 13.56 -28.96
C SER A 111 3.05 15.06 -29.21
N GLU A 112 1.93 15.72 -28.92
CA GLU A 112 1.81 17.16 -29.12
C GLU A 112 1.84 17.97 -27.82
N ILE A 113 2.11 17.31 -26.70
CA ILE A 113 2.11 18.00 -25.41
C ILE A 113 3.01 19.23 -25.32
N ASN A 114 4.18 19.18 -25.93
CA ASN A 114 5.08 20.32 -25.88
C ASN A 114 4.60 21.49 -26.73
N GLN A 115 3.68 21.21 -27.65
CA GLN A 115 3.14 22.26 -28.51
C GLN A 115 1.82 22.78 -27.95
N GLN A 116 1.24 22.03 -27.02
CA GLN A 116 -0.05 22.39 -26.43
C GLN A 116 -0.06 22.82 -24.96
N LEU A 117 0.75 22.19 -24.13
CA LEU A 117 0.77 22.51 -22.70
C LEU A 117 1.00 23.98 -22.35
N TYR A 118 1.98 24.62 -22.97
CA TYR A 118 2.23 26.02 -22.64
C TYR A 118 1.02 26.89 -22.97
N GLN A 119 0.25 26.48 -23.97
CA GLN A 119 -0.92 27.25 -24.36
C GLN A 119 -2.01 27.13 -23.28
N LEU A 120 -2.07 25.99 -22.62
CA LEU A 120 -3.06 25.76 -21.56
C LEU A 120 -2.65 26.47 -20.26
N LEU A 121 -1.36 26.74 -20.10
CA LEU A 121 -0.89 27.40 -18.88
C LEU A 121 -0.78 28.90 -19.06
N ASN A 122 -0.68 29.35 -20.31
CA ASN A 122 -0.57 30.77 -20.60
C ASN A 122 -1.68 31.58 -19.92
N GLY A 123 -1.28 32.61 -19.19
CA GLY A 123 -2.26 33.46 -18.54
C GLY A 123 -2.75 33.04 -17.16
N LEU A 124 -2.41 31.83 -16.73
CA LEU A 124 -2.84 31.37 -15.41
C LEU A 124 -1.92 31.93 -14.34
N ASP A 125 -2.39 31.97 -13.10
CA ASP A 125 -1.58 32.49 -12.00
C ASP A 125 -0.89 31.39 -11.22
N VAL A 126 -1.47 30.20 -11.24
CA VAL A 126 -0.91 29.09 -10.49
C VAL A 126 -0.95 27.77 -11.24
N VAL A 127 0.11 26.99 -11.07
CA VAL A 127 0.18 25.66 -11.67
C VAL A 127 0.50 24.70 -10.54
N TYR A 128 -0.26 23.63 -10.45
CA TYR A 128 -0.04 22.61 -9.43
C TYR A 128 0.73 21.48 -10.10
N HIS A 129 1.94 21.24 -9.63
CA HIS A 129 2.81 20.21 -10.21
C HIS A 129 3.63 19.51 -9.13
N ALA A 130 3.67 18.18 -9.17
CA ALA A 130 4.44 17.40 -8.20
C ALA A 130 5.89 17.38 -8.69
N GLN A 131 6.60 18.48 -8.48
CA GLN A 131 7.97 18.57 -8.94
C GLN A 131 8.89 17.52 -8.33
N GLY A 132 9.69 16.87 -9.17
CA GLY A 132 10.61 15.86 -8.71
C GLY A 132 10.04 14.45 -8.71
N GLU A 133 8.74 14.33 -8.96
N GLU A 133 8.74 14.34 -8.95
CA GLU A 133 8.08 13.03 -8.98
CA GLU A 133 8.09 13.05 -8.99
C GLU A 133 8.62 12.18 -10.14
C GLU A 133 8.66 12.20 -10.14
N TYR A 134 8.67 12.76 -11.33
CA TYR A 134 9.19 12.09 -12.53
C TYR A 134 10.05 13.04 -13.35
N ALA A 135 11.21 12.56 -13.79
CA ALA A 135 12.10 13.38 -14.58
C ALA A 135 11.48 13.83 -15.89
N TYR A 136 10.74 12.94 -16.55
CA TYR A 136 10.14 13.31 -17.83
C TYR A 136 9.06 14.38 -17.66
N ALA A 137 8.32 14.32 -16.56
CA ALA A 137 7.27 15.29 -16.29
C ALA A 137 7.89 16.67 -16.07
N ASP A 138 8.97 16.71 -15.28
CA ASP A 138 9.65 17.97 -14.99
C ASP A 138 10.17 18.62 -16.28
N VAL A 139 10.66 17.81 -17.21
CA VAL A 139 11.18 18.35 -18.46
C VAL A 139 10.03 19.03 -19.21
N ILE A 140 8.91 18.32 -19.34
CA ILE A 140 7.74 18.84 -20.02
C ILE A 140 7.23 20.14 -19.39
N VAL A 141 7.05 20.12 -18.06
CA VAL A 141 6.55 21.30 -17.35
C VAL A 141 7.53 22.46 -17.40
N ASN A 142 8.81 22.20 -17.13
CA ASN A 142 9.79 23.27 -17.16
C ASN A 142 9.92 23.88 -18.55
N SER A 143 9.80 23.02 -19.56
CA SER A 143 9.90 23.49 -20.94
C SER A 143 8.74 24.41 -21.27
N ALA A 144 7.54 24.04 -20.82
CA ALA A 144 6.36 24.86 -21.08
C ALA A 144 6.45 26.20 -20.37
N LEU A 145 6.90 26.19 -19.13
CA LEU A 145 7.01 27.43 -18.37
C LEU A 145 8.06 28.37 -18.96
N GLU A 146 9.15 27.81 -19.48
CA GLU A 146 10.20 28.63 -20.08
C GLU A 146 9.69 29.32 -21.34
N LYS A 147 8.89 28.62 -22.13
CA LYS A 147 8.35 29.24 -23.34
C LYS A 147 7.49 30.44 -22.96
N LEU A 148 6.68 30.28 -21.93
CA LEU A 148 5.82 31.37 -21.47
C LEU A 148 6.65 32.52 -20.90
N ARG A 149 7.67 32.21 -20.12
CA ARG A 149 8.50 33.26 -19.53
C ARG A 149 9.25 34.07 -20.59
N LYS A 150 9.73 33.39 -21.63
CA LYS A 150 10.48 34.07 -22.69
C LYS A 150 9.63 34.59 -23.83
N GLY A 151 8.31 34.39 -23.75
CA GLY A 151 7.45 34.84 -24.83
C GLY A 151 6.65 36.11 -24.59
N SER A 152 7.23 37.07 -23.87
CA SER A 152 6.51 38.31 -23.63
C SER A 152 6.19 39.05 -24.93
N ARG A 153 7.09 39.00 -25.91
CA ARG A 153 6.85 39.66 -27.17
C ARG A 153 5.73 39.01 -27.96
N GLN A 154 5.31 37.83 -27.51
CA GLN A 154 4.21 37.11 -28.15
C GLN A 154 3.01 37.16 -27.22
N ASN A 155 3.09 38.02 -26.22
CA ASN A 155 2.02 38.20 -25.23
C ASN A 155 1.71 36.97 -24.39
N LEU A 156 2.76 36.22 -24.04
CA LEU A 156 2.59 35.03 -23.22
C LEU A 156 3.05 35.35 -21.81
N THR A 157 2.39 34.77 -20.81
CA THR A 157 2.77 34.97 -19.43
C THR A 157 2.72 33.63 -18.72
N ALA A 158 3.71 33.37 -17.87
CA ALA A 158 3.77 32.12 -17.15
C ALA A 158 3.29 32.30 -15.73
N PRO A 159 2.58 31.29 -15.20
CA PRO A 159 2.11 31.41 -13.81
C PRO A 159 3.38 31.46 -12.94
N ALA A 160 3.47 32.48 -12.10
CA ALA A 160 4.65 32.64 -11.24
C ALA A 160 4.61 31.76 -10.00
N THR A 161 3.45 31.17 -9.75
CA THR A 161 3.27 30.33 -8.58
C THR A 161 3.13 28.85 -8.89
N MET A 162 3.99 28.03 -8.28
CA MET A 162 3.93 26.58 -8.47
C MET A 162 3.68 25.94 -7.12
N ILE A 163 2.65 25.10 -7.07
CA ILE A 163 2.29 24.43 -5.83
C ILE A 163 2.25 22.92 -6.00
N ASP A 164 2.86 22.22 -5.05
CA ASP A 164 2.91 20.77 -5.04
C ASP A 164 1.53 20.27 -4.58
N TRP A 165 0.83 19.53 -5.44
CA TRP A 165 -0.48 19.02 -5.08
C TRP A 165 -0.46 17.72 -4.28
N ARG A 166 0.73 17.19 -4.03
CA ARG A 166 0.81 15.93 -3.30
C ARG A 166 0.22 16.00 -1.89
N PRO A 167 0.53 17.07 -1.14
CA PRO A 167 -0.04 17.14 0.20
C PRO A 167 -1.58 17.08 0.18
N VAL A 168 -2.21 17.87 -0.69
CA VAL A 168 -3.66 17.88 -0.76
C VAL A 168 -4.27 16.60 -1.31
N VAL A 169 -3.69 16.04 -2.38
CA VAL A 169 -4.22 14.81 -2.96
C VAL A 169 -4.05 13.61 -2.03
N HIS A 170 -2.93 13.55 -1.31
CA HIS A 170 -2.68 12.43 -0.40
C HIS A 170 -3.59 12.52 0.82
N GLU A 171 -3.97 13.74 1.20
CA GLU A 171 -4.86 13.95 2.34
C GLU A 171 -6.22 13.41 1.92
N MET A 172 -6.55 13.55 0.64
CA MET A 172 -7.81 13.04 0.11
C MET A 172 -7.77 11.51 0.15
N ARG A 173 -6.67 10.94 -0.35
CA ARG A 173 -6.50 9.48 -0.39
C ARG A 173 -6.54 8.85 1.01
N LEU A 174 -6.17 9.64 2.01
CA LEU A 174 -6.14 9.17 3.39
C LEU A 174 -7.51 8.75 3.90
N PHE A 175 -8.56 9.35 3.34
CA PHE A 175 -9.93 9.03 3.72
C PHE A 175 -10.63 8.30 2.60
N LYS A 176 -10.97 7.04 2.83
CA LYS A 176 -11.62 6.24 1.82
C LYS A 176 -13.12 6.45 1.73
N SER A 177 -13.62 6.40 0.51
CA SER A 177 -15.04 6.55 0.26
C SER A 177 -15.67 5.17 0.44
N PRO A 178 -17.01 5.10 0.45
CA PRO A 178 -17.64 3.78 0.61
C PRO A 178 -17.22 2.83 -0.50
N GLU A 179 -17.09 3.36 -1.72
CA GLU A 179 -16.69 2.52 -2.85
C GLU A 179 -15.29 1.94 -2.61
N GLU A 180 -14.36 2.79 -2.17
CA GLU A 180 -13.00 2.34 -1.90
C GLU A 180 -12.99 1.28 -0.80
N ILE A 181 -13.72 1.55 0.28
CA ILE A 181 -13.80 0.61 1.38
C ILE A 181 -14.36 -0.74 0.90
N ALA A 182 -15.24 -0.70 -0.09
CA ALA A 182 -15.81 -1.94 -0.60
C ALA A 182 -14.74 -2.70 -1.38
N VAL A 183 -13.93 -1.97 -2.15
CA VAL A 183 -12.87 -2.61 -2.92
C VAL A 183 -11.79 -3.15 -2.00
N LEU A 184 -11.38 -2.36 -1.01
CA LEU A 184 -10.38 -2.81 -0.06
C LEU A 184 -10.89 -4.03 0.68
N ARG A 185 -12.18 -4.05 0.95
CA ARG A 185 -12.81 -5.16 1.66
C ARG A 185 -12.65 -6.42 0.82
N ARG A 186 -12.81 -6.31 -0.50
CA ARG A 186 -12.66 -7.45 -1.36
C ARG A 186 -11.19 -7.85 -1.44
N ALA A 187 -10.31 -6.86 -1.40
CA ALA A 187 -8.87 -7.11 -1.43
C ALA A 187 -8.49 -7.94 -0.20
N GLY A 188 -9.07 -7.59 0.95
CA GLY A 188 -8.79 -8.31 2.18
C GLY A 188 -9.27 -9.75 2.11
N GLU A 189 -10.44 -9.96 1.48
CA GLU A 189 -11.01 -11.28 1.34
C GLU A 189 -10.13 -12.17 0.48
N ILE A 190 -9.70 -11.62 -0.65
CA ILE A 190 -8.86 -12.34 -1.58
C ILE A 190 -7.53 -12.69 -0.93
N THR A 191 -6.93 -11.71 -0.27
CA THR A 191 -5.65 -11.92 0.39
C THR A 191 -5.79 -12.98 1.48
N ALA A 192 -6.87 -12.91 2.26
CA ALA A 192 -7.10 -13.88 3.33
C ALA A 192 -7.22 -15.27 2.76
N MET A 193 -8.00 -15.43 1.70
CA MET A 193 -8.17 -16.74 1.08
C MET A 193 -6.81 -17.30 0.66
N ALA A 194 -5.92 -16.43 0.20
CA ALA A 194 -4.59 -16.87 -0.22
C ALA A 194 -3.79 -17.40 0.96
N HIS A 195 -3.81 -16.67 2.07
CA HIS A 195 -3.09 -17.07 3.27
C HIS A 195 -3.64 -18.39 3.83
N THR A 196 -4.93 -18.63 3.66
CA THR A 196 -5.56 -19.87 4.13
C THR A 196 -5.03 -21.02 3.28
N ARG A 197 -4.87 -20.75 1.98
CA ARG A 197 -4.35 -21.75 1.05
C ARG A 197 -2.94 -22.17 1.45
N ALA A 198 -2.09 -21.16 1.65
CA ALA A 198 -0.71 -21.39 2.04
C ALA A 198 -0.64 -22.29 3.27
N MET A 199 -1.45 -21.99 4.29
CA MET A 199 -1.47 -22.78 5.50
C MET A 199 -1.92 -24.22 5.24
N GLU A 200 -2.86 -24.40 4.33
CA GLU A 200 -3.39 -25.73 3.99
C GLU A 200 -2.47 -26.54 3.09
N LYS A 201 -1.63 -25.85 2.32
CA LYS A 201 -0.71 -26.55 1.42
C LYS A 201 0.65 -26.83 2.05
N CYS A 202 1.03 -26.04 3.04
CA CYS A 202 2.33 -26.20 3.67
C CYS A 202 2.64 -27.60 4.20
N ARG A 203 3.83 -28.08 3.87
CA ARG A 203 4.30 -29.39 4.30
C ARG A 203 5.82 -29.32 4.41
N PRO A 204 6.40 -30.00 5.40
CA PRO A 204 7.86 -29.99 5.55
C PRO A 204 8.45 -30.56 4.27
N GLY A 205 9.54 -29.97 3.77
CA GLY A 205 10.14 -30.48 2.56
C GLY A 205 9.87 -29.57 1.39
N MET A 206 8.78 -28.81 1.47
CA MET A 206 8.44 -27.85 0.42
C MET A 206 9.33 -26.63 0.61
N PHE A 207 9.56 -25.88 -0.45
CA PHE A 207 10.38 -24.68 -0.36
C PHE A 207 9.51 -23.46 -0.10
N GLU A 208 10.13 -22.41 0.45
CA GLU A 208 9.41 -21.19 0.74
C GLU A 208 8.70 -20.64 -0.50
N TYR A 209 9.38 -20.62 -1.63
CA TYR A 209 8.77 -20.09 -2.85
C TYR A 209 7.52 -20.87 -3.30
N HIS A 210 7.40 -22.13 -2.86
CA HIS A 210 6.23 -22.92 -3.22
C HIS A 210 4.97 -22.31 -2.62
N LEU A 211 5.07 -21.82 -1.39
CA LEU A 211 3.91 -21.20 -0.76
C LEU A 211 3.63 -19.87 -1.47
N GLU A 212 4.68 -19.24 -1.96
CA GLU A 212 4.55 -18.00 -2.71
C GLU A 212 3.70 -18.30 -3.93
N GLY A 213 3.99 -19.43 -4.56
CA GLY A 213 3.26 -19.85 -5.75
C GLY A 213 1.79 -20.06 -5.50
N GLU A 214 1.45 -20.71 -4.39
CA GLU A 214 0.06 -20.97 -4.04
C GLU A 214 -0.68 -19.66 -3.82
N ILE A 215 -0.03 -18.73 -3.12
CA ILE A 215 -0.59 -17.43 -2.81
C ILE A 215 -0.88 -16.59 -4.05
N HIS A 216 0.11 -16.46 -4.92
CA HIS A 216 -0.06 -15.68 -6.13
C HIS A 216 -1.16 -16.25 -7.02
N HIS A 217 -1.28 -17.58 -7.04
CA HIS A 217 -2.30 -18.24 -7.85
C HIS A 217 -3.69 -17.95 -7.30
N GLU A 218 -3.82 -17.95 -5.98
CA GLU A 218 -5.11 -17.67 -5.35
C GLU A 218 -5.49 -16.22 -5.64
N PHE A 219 -4.51 -15.31 -5.64
CA PHE A 219 -4.79 -13.91 -5.94
C PHE A 219 -5.41 -13.89 -7.34
N ASN A 220 -4.73 -14.55 -8.27
CA ASN A 220 -5.13 -14.61 -9.66
C ASN A 220 -6.51 -15.21 -9.89
N ARG A 221 -6.87 -16.25 -9.15
CA ARG A 221 -8.17 -16.88 -9.32
C ARG A 221 -9.32 -15.89 -9.09
N HIS A 222 -9.11 -14.91 -8.21
CA HIS A 222 -10.14 -13.94 -7.89
C HIS A 222 -10.04 -12.60 -8.61
N GLY A 223 -9.22 -12.53 -9.66
CA GLY A 223 -9.11 -11.30 -10.41
C GLY A 223 -8.03 -10.32 -10.00
N ALA A 224 -7.18 -10.70 -9.06
CA ALA A 224 -6.07 -9.85 -8.62
C ALA A 224 -4.81 -10.46 -9.21
N ARG A 225 -4.43 -10.02 -10.40
CA ARG A 225 -3.26 -10.55 -11.09
C ARG A 225 -1.92 -10.35 -10.42
N TYR A 226 -1.71 -9.19 -9.82
CA TYR A 226 -0.44 -8.90 -9.17
C TYR A 226 -0.52 -8.67 -7.69
N PRO A 227 0.59 -8.92 -6.97
CA PRO A 227 0.64 -8.71 -5.53
C PRO A 227 0.84 -7.21 -5.37
N SER A 228 0.49 -6.65 -4.21
CA SER A 228 0.68 -5.22 -3.98
C SER A 228 2.12 -4.94 -3.55
N TYR A 229 2.87 -6.00 -3.24
CA TYR A 229 4.27 -5.88 -2.84
C TYR A 229 4.90 -7.27 -2.95
N ASN A 230 6.22 -7.34 -2.98
CA ASN A 230 6.90 -8.63 -3.10
C ASN A 230 6.64 -9.54 -1.90
N THR A 231 6.12 -10.72 -2.19
CA THR A 231 5.78 -11.69 -1.17
C THR A 231 6.95 -12.15 -0.31
N ILE A 232 6.68 -12.27 0.99
CA ILE A 232 7.67 -12.67 1.96
C ILE A 232 7.30 -14.01 2.58
N VAL A 233 8.17 -15.00 2.42
CA VAL A 233 7.93 -16.32 3.01
C VAL A 233 9.19 -16.72 3.76
N GLY A 234 9.30 -16.25 5.00
CA GLY A 234 10.47 -16.56 5.80
C GLY A 234 10.28 -17.62 6.86
N SER A 235 10.85 -18.81 6.63
CA SER A 235 10.74 -19.90 7.59
C SER A 235 12.02 -19.95 8.43
N GLY A 236 11.91 -20.47 9.64
CA GLY A 236 13.09 -20.56 10.50
C GLY A 236 13.70 -19.20 10.78
N GLU A 237 15.03 -19.11 10.71
CA GLU A 237 15.69 -17.86 10.99
C GLU A 237 15.36 -16.77 9.97
N ASN A 238 14.87 -17.18 8.81
CA ASN A 238 14.53 -16.18 7.80
C ASN A 238 13.38 -15.29 8.28
N GLY A 239 12.62 -15.78 9.25
CA GLY A 239 11.52 -15.01 9.79
C GLY A 239 11.99 -13.77 10.53
N CYS A 240 13.29 -13.69 10.82
CA CYS A 240 13.84 -12.54 11.53
C CYS A 240 14.25 -11.42 10.59
N ILE A 241 14.19 -11.69 9.30
CA ILE A 241 14.54 -10.70 8.28
C ILE A 241 13.23 -10.06 7.83
N LEU A 242 12.98 -8.85 8.29
CA LEU A 242 11.74 -8.14 7.99
C LEU A 242 11.26 -8.18 6.54
N HIS A 243 12.13 -7.86 5.58
CA HIS A 243 11.71 -7.92 4.18
C HIS A 243 12.49 -9.00 3.44
N TYR A 244 12.36 -10.22 3.93
CA TYR A 244 12.99 -11.39 3.33
C TYR A 244 12.17 -11.75 2.11
N THR A 245 12.75 -11.63 0.93
CA THR A 245 12.00 -11.94 -0.30
C THR A 245 12.61 -13.08 -1.13
N GLU A 246 13.79 -13.55 -0.74
CA GLU A 246 14.44 -14.63 -1.47
C GLU A 246 13.57 -15.88 -1.53
N ASN A 247 12.93 -16.21 -0.42
CA ASN A 247 12.05 -17.38 -0.34
C ASN A 247 12.69 -18.58 -1.03
N GLU A 248 13.97 -18.78 -0.79
CA GLU A 248 14.72 -19.84 -1.45
C GLU A 248 15.02 -21.10 -0.64
N CYS A 249 14.64 -21.13 0.63
CA CYS A 249 14.95 -22.27 1.47
C CYS A 249 13.88 -23.34 1.63
N GLU A 250 14.35 -24.54 1.95
CA GLU A 250 13.49 -25.68 2.19
C GLU A 250 12.86 -25.46 3.57
N MET A 251 11.54 -25.55 3.65
CA MET A 251 10.87 -25.36 4.93
C MET A 251 11.08 -26.61 5.76
N ARG A 252 11.53 -26.41 7.00
CA ARG A 252 11.85 -27.53 7.88
C ARG A 252 10.86 -27.82 9.01
N ASP A 253 10.61 -29.11 9.22
CA ASP A 253 9.73 -29.55 10.28
C ASP A 253 10.33 -28.99 11.58
N GLY A 254 9.50 -28.35 12.40
CA GLY A 254 10.01 -27.78 13.64
C GLY A 254 10.11 -26.26 13.58
N ASP A 255 10.21 -25.69 12.38
CA ASP A 255 10.29 -24.24 12.23
C ASP A 255 8.93 -23.60 12.02
N LEU A 256 8.90 -22.28 12.17
CA LEU A 256 7.69 -21.50 11.92
C LEU A 256 7.95 -20.86 10.57
N VAL A 257 6.88 -20.47 9.89
CA VAL A 257 7.06 -19.79 8.61
C VAL A 257 6.22 -18.52 8.69
N LEU A 258 6.85 -17.39 8.37
CA LEU A 258 6.19 -16.11 8.39
C LEU A 258 5.87 -15.70 6.96
N ILE A 259 4.58 -15.53 6.67
CA ILE A 259 4.17 -15.14 5.33
C ILE A 259 3.52 -13.76 5.33
N ASP A 260 4.12 -12.82 4.61
CA ASP A 260 3.57 -11.49 4.49
C ASP A 260 3.29 -11.35 3.00
N ALA A 261 2.01 -11.35 2.62
CA ALA A 261 1.63 -11.24 1.23
C ALA A 261 0.32 -10.50 1.07
N GLY A 262 0.18 -9.75 -0.01
CA GLY A 262 -1.02 -8.99 -0.26
C GLY A 262 -1.29 -8.83 -1.74
N CYS A 263 -2.55 -8.94 -2.13
CA CYS A 263 -2.91 -8.80 -3.53
C CYS A 263 -3.15 -7.33 -3.83
N GLU A 264 -3.25 -7.01 -5.11
CA GLU A 264 -3.55 -5.66 -5.56
C GLU A 264 -4.82 -5.83 -6.39
N TYR A 265 -5.94 -5.40 -5.83
CA TYR A 265 -7.23 -5.52 -6.49
C TYR A 265 -7.74 -4.13 -6.89
N LYS A 266 -7.97 -3.94 -8.19
CA LYS A 266 -8.44 -2.65 -8.71
C LYS A 266 -7.55 -1.54 -8.19
N GLY A 267 -6.25 -1.82 -8.15
CA GLY A 267 -5.30 -0.82 -7.69
C GLY A 267 -5.11 -0.74 -6.19
N TYR A 268 -5.98 -1.38 -5.41
CA TYR A 268 -5.88 -1.33 -3.96
C TYR A 268 -5.16 -2.51 -3.34
N ALA A 269 -4.42 -2.23 -2.27
CA ALA A 269 -3.63 -3.24 -1.60
C ALA A 269 -4.20 -3.99 -0.41
N GLY A 270 -3.97 -5.29 -0.40
CA GLY A 270 -4.36 -6.13 0.71
C GLY A 270 -2.99 -6.27 1.39
N ASP A 271 -2.94 -6.57 2.68
CA ASP A 271 -1.66 -6.70 3.36
C ASP A 271 -1.81 -7.54 4.60
N ILE A 272 -1.57 -8.84 4.48
CA ILE A 272 -1.71 -9.75 5.60
C ILE A 272 -0.41 -10.51 5.92
N THR A 273 -0.20 -10.74 7.21
CA THR A 273 0.93 -11.51 7.67
C THR A 273 0.39 -12.56 8.62
N ARG A 274 0.79 -13.80 8.41
CA ARG A 274 0.38 -14.90 9.26
C ARG A 274 1.62 -15.75 9.46
N THR A 275 1.88 -16.12 10.71
CA THR A 275 3.02 -16.95 11.04
C THR A 275 2.41 -18.24 11.59
N PHE A 276 2.92 -19.38 11.14
CA PHE A 276 2.40 -20.66 11.61
C PHE A 276 3.45 -21.75 11.56
N PRO A 277 3.22 -22.88 12.25
CA PRO A 277 4.18 -23.99 12.26
C PRO A 277 4.18 -24.76 10.94
N VAL A 278 5.38 -24.97 10.40
CA VAL A 278 5.53 -25.71 9.15
C VAL A 278 4.87 -27.09 9.26
N ASN A 279 4.98 -27.71 10.43
CA ASN A 279 4.40 -29.03 10.64
C ASN A 279 2.99 -28.99 11.25
N GLY A 280 2.38 -27.81 11.29
CA GLY A 280 1.04 -27.69 11.81
C GLY A 280 0.85 -27.76 13.32
N LYS A 281 1.94 -27.81 14.08
CA LYS A 281 1.83 -27.86 15.53
C LYS A 281 2.83 -26.96 16.24
N PHE A 282 2.32 -25.94 16.92
CA PHE A 282 3.18 -25.00 17.65
C PHE A 282 3.87 -25.71 18.80
N THR A 283 5.15 -25.40 19.00
CA THR A 283 5.87 -25.99 20.12
C THR A 283 5.59 -25.03 21.28
N GLN A 284 5.98 -25.41 22.49
CA GLN A 284 5.74 -24.55 23.65
C GLN A 284 6.48 -23.21 23.47
N ALA A 285 7.74 -23.28 23.08
CA ALA A 285 8.53 -22.07 22.88
C ALA A 285 7.90 -21.16 21.83
N GLN A 286 7.47 -21.74 20.72
CA GLN A 286 6.86 -20.95 19.66
C GLN A 286 5.56 -20.31 20.14
N ARG A 287 4.79 -21.07 20.90
CA ARG A 287 3.52 -20.58 21.44
C ARG A 287 3.71 -19.40 22.39
N GLU A 288 4.74 -19.48 23.23
CA GLU A 288 4.99 -18.44 24.20
C GLU A 288 5.28 -17.09 23.54
N ILE A 289 5.91 -17.11 22.38
CA ILE A 289 6.21 -15.86 21.68
C ILE A 289 4.98 -15.45 20.88
N TYR A 290 4.35 -16.43 20.23
CA TYR A 290 3.17 -16.17 19.42
C TYR A 290 2.06 -15.50 20.24
N ASP A 291 1.81 -16.03 21.43
CA ASP A 291 0.76 -15.49 22.29
C ASP A 291 0.95 -14.01 22.58
N ILE A 292 2.19 -13.60 22.82
CA ILE A 292 2.47 -12.21 23.11
C ILE A 292 2.12 -11.35 21.89
N VAL A 293 2.46 -11.84 20.71
CA VAL A 293 2.17 -11.09 19.49
C VAL A 293 0.67 -11.07 19.20
N LEU A 294 0.00 -12.19 19.44
CA LEU A 294 -1.44 -12.26 19.20
C LEU A 294 -2.21 -11.35 20.15
N GLU A 295 -1.78 -11.31 21.41
CA GLU A 295 -2.45 -10.47 22.39
C GLU A 295 -2.28 -9.01 21.97
N SER A 296 -1.08 -8.68 21.48
CA SER A 296 -0.79 -7.33 21.01
C SER A 296 -1.79 -6.97 19.91
N LEU A 297 -1.98 -7.89 18.97
CA LEU A 297 -2.90 -7.64 17.86
C LEU A 297 -4.35 -7.54 18.31
N GLU A 298 -4.79 -8.51 19.11
CA GLU A 298 -6.18 -8.52 19.58
C GLU A 298 -6.53 -7.29 20.41
N THR A 299 -5.62 -6.86 21.27
CA THR A 299 -5.85 -5.69 22.09
C THR A 299 -5.92 -4.46 21.18
N SER A 300 -4.97 -4.36 20.25
CA SER A 300 -4.94 -3.25 19.31
C SER A 300 -6.24 -3.22 18.51
N LEU A 301 -6.73 -4.38 18.10
CA LEU A 301 -7.95 -4.45 17.34
C LEU A 301 -9.14 -3.93 18.15
N ARG A 302 -9.05 -4.08 19.48
N ARG A 302 -9.06 -4.08 19.48
CA ARG A 302 -10.11 -3.63 20.38
CA ARG A 302 -10.14 -3.61 20.34
C ARG A 302 -10.01 -2.13 20.63
C ARG A 302 -10.02 -2.11 20.61
N LEU A 303 -8.79 -1.62 20.71
CA LEU A 303 -8.55 -0.21 20.97
C LEU A 303 -8.76 0.74 19.79
N TYR A 304 -8.30 0.35 18.59
CA TYR A 304 -8.44 1.24 17.44
C TYR A 304 -9.86 1.71 17.19
N ARG A 305 -10.02 3.04 17.22
CA ARG A 305 -11.31 3.68 17.03
C ARG A 305 -11.04 5.19 16.88
N PRO A 306 -12.06 5.97 16.48
CA PRO A 306 -11.83 7.40 16.33
C PRO A 306 -11.44 8.00 17.68
N GLY A 307 -10.50 8.95 17.68
CA GLY A 307 -10.12 9.58 18.93
C GLY A 307 -8.78 9.15 19.48
N THR A 308 -8.36 7.94 19.15
CA THR A 308 -7.07 7.45 19.62
C THR A 308 -6.07 7.68 18.47
N SER A 309 -4.84 7.19 18.62
CA SER A 309 -3.81 7.36 17.60
C SER A 309 -2.94 6.11 17.53
N ILE A 310 -2.15 6.00 16.47
CA ILE A 310 -1.26 4.85 16.32
C ILE A 310 -0.25 4.88 17.46
N LEU A 311 0.20 6.08 17.80
CA LEU A 311 1.17 6.26 18.89
C LEU A 311 0.64 5.73 20.22
N GLU A 312 -0.60 6.06 20.53
CA GLU A 312 -1.22 5.64 21.78
C GLU A 312 -1.43 4.14 21.88
N VAL A 313 -1.94 3.53 20.82
CA VAL A 313 -2.17 2.09 20.81
C VAL A 313 -0.82 1.37 20.89
N THR A 314 0.18 1.95 20.25
CA THR A 314 1.52 1.37 20.26
C THR A 314 2.04 1.28 21.70
N GLY A 315 1.67 2.26 22.51
CA GLY A 315 2.10 2.27 23.89
C GLY A 315 1.58 1.04 24.63
N GLU A 316 0.33 0.69 24.35
CA GLU A 316 -0.26 -0.48 24.97
C GLU A 316 0.44 -1.75 24.49
N VAL A 317 0.77 -1.79 23.20
CA VAL A 317 1.45 -2.94 22.64
C VAL A 317 2.84 -3.12 23.28
N VAL A 318 3.55 -2.02 23.47
CA VAL A 318 4.88 -2.09 24.07
C VAL A 318 4.80 -2.67 25.48
N ARG A 319 3.76 -2.29 26.22
CA ARG A 319 3.59 -2.78 27.58
C ARG A 319 3.34 -4.29 27.52
N ILE A 320 2.42 -4.70 26.66
CA ILE A 320 2.12 -6.11 26.52
C ILE A 320 3.40 -6.88 26.19
N MET A 321 4.18 -6.36 25.25
CA MET A 321 5.41 -7.00 24.82
C MET A 321 6.47 -7.08 25.90
N VAL A 322 6.76 -5.96 26.56
CA VAL A 322 7.77 -5.97 27.61
C VAL A 322 7.36 -6.91 28.74
N SER A 323 6.08 -6.90 29.09
CA SER A 323 5.60 -7.78 30.17
C SER A 323 5.82 -9.24 29.81
N GLY A 324 5.35 -9.64 28.63
CA GLY A 324 5.49 -11.01 28.19
C GLY A 324 6.94 -11.45 28.08
N LEU A 325 7.80 -10.54 27.60
CA LEU A 325 9.21 -10.86 27.44
C LEU A 325 9.90 -11.04 28.79
N VAL A 326 9.43 -10.31 29.80
CA VAL A 326 10.01 -10.42 31.13
C VAL A 326 9.59 -11.75 31.75
N LYS A 327 8.32 -12.10 31.60
CA LYS A 327 7.83 -13.36 32.16
C LYS A 327 8.58 -14.56 31.58
N LEU A 328 8.99 -14.46 30.32
CA LEU A 328 9.70 -15.55 29.67
C LEU A 328 11.19 -15.54 29.96
N GLY A 329 11.68 -14.46 30.55
CA GLY A 329 13.10 -14.37 30.85
C GLY A 329 13.93 -13.83 29.70
N ILE A 330 13.27 -13.30 28.68
CA ILE A 330 13.97 -12.72 27.54
C ILE A 330 14.44 -11.31 27.93
N LEU A 331 13.70 -10.67 28.83
CA LEU A 331 14.05 -9.36 29.34
C LEU A 331 14.09 -9.48 30.86
N LYS A 332 14.98 -8.73 31.51
CA LYS A 332 15.09 -8.79 32.96
C LYS A 332 15.00 -7.40 33.57
N GLY A 333 14.20 -7.27 34.62
CA GLY A 333 14.07 -5.98 35.27
C GLY A 333 12.63 -5.55 35.50
N ASP A 334 12.46 -4.28 35.90
CA ASP A 334 11.14 -3.73 36.15
C ASP A 334 10.44 -3.38 34.84
N VAL A 335 9.22 -3.87 34.68
CA VAL A 335 8.46 -3.61 33.46
C VAL A 335 8.47 -2.14 33.04
N ASP A 336 8.07 -1.27 33.96
CA ASP A 336 8.02 0.16 33.68
C ASP A 336 9.38 0.77 33.35
N GLU A 337 10.44 0.30 34.01
CA GLU A 337 11.76 0.82 33.71
C GLU A 337 12.12 0.38 32.30
N LEU A 338 11.95 -0.90 32.03
CA LEU A 338 12.25 -1.47 30.72
C LEU A 338 11.48 -0.74 29.62
N ILE A 339 10.23 -0.40 29.91
CA ILE A 339 9.42 0.33 28.94
C ILE A 339 10.05 1.69 28.67
N ALA A 340 10.37 2.42 29.74
CA ALA A 340 10.96 3.75 29.61
C ALA A 340 12.28 3.67 28.85
N GLN A 341 12.89 2.49 28.81
CA GLN A 341 14.15 2.30 28.10
C GLN A 341 13.94 1.71 26.71
N ASN A 342 12.69 1.45 26.34
CA ASN A 342 12.38 0.86 25.03
C ASN A 342 13.16 -0.45 24.88
N ALA A 343 13.22 -1.23 25.96
CA ALA A 343 13.94 -2.49 25.98
C ALA A 343 13.39 -3.55 25.02
N HIS A 344 12.22 -3.26 24.45
CA HIS A 344 11.59 -4.18 23.50
C HIS A 344 12.18 -3.97 22.11
N ARG A 345 12.76 -2.78 21.91
CA ARG A 345 13.35 -2.39 20.64
C ARG A 345 14.15 -3.47 19.88
N PRO A 346 15.00 -4.23 20.59
CA PRO A 346 15.77 -5.26 19.89
C PRO A 346 14.91 -6.39 19.29
N PHE A 347 13.68 -6.52 19.75
CA PHE A 347 12.79 -7.58 19.29
C PHE A 347 11.59 -7.14 18.46
N PHE A 348 11.24 -5.86 18.55
CA PHE A 348 10.15 -5.26 17.79
C PHE A 348 10.71 -3.92 17.37
N MET A 349 11.30 -3.88 16.19
CA MET A 349 11.96 -2.69 15.68
C MET A 349 11.26 -1.91 14.58
N HIS A 350 9.98 -2.17 14.35
CA HIS A 350 9.24 -1.43 13.35
C HIS A 350 7.91 -0.94 13.92
N GLY A 351 7.18 -0.16 13.14
CA GLY A 351 5.91 0.37 13.59
C GLY A 351 4.78 -0.64 13.66
N LEU A 352 3.75 -0.31 14.42
CA LEU A 352 2.59 -1.17 14.57
C LEU A 352 1.60 -1.04 13.43
N SER A 353 1.57 0.14 12.82
CA SER A 353 0.60 0.38 11.75
C SER A 353 1.03 1.38 10.69
N HIS A 354 0.48 1.24 9.50
CA HIS A 354 0.75 2.17 8.41
C HIS A 354 -0.53 2.30 7.60
N TRP A 355 -0.72 3.46 6.97
CA TRP A 355 -1.90 3.69 6.16
C TRP A 355 -1.92 2.61 5.07
N LEU A 356 -3.10 2.31 4.55
CA LEU A 356 -3.26 1.30 3.50
C LEU A 356 -4.21 1.84 2.44
N GLY A 357 -3.87 1.64 1.17
CA GLY A 357 -4.72 2.12 0.09
C GLY A 357 -4.23 1.73 -1.29
N LEU A 358 -4.06 2.72 -2.18
CA LEU A 358 -3.57 2.45 -3.53
C LEU A 358 -2.10 2.01 -3.48
N ASP A 359 -1.47 2.27 -2.34
CA ASP A 359 -0.09 1.86 -2.07
C ASP A 359 -0.11 1.13 -0.74
N VAL A 360 0.58 -0.01 -0.65
CA VAL A 360 0.58 -0.77 0.59
C VAL A 360 0.99 0.13 1.76
N HIS A 361 2.04 0.93 1.57
CA HIS A 361 2.44 1.89 2.61
C HIS A 361 1.83 3.17 2.07
N ASP A 362 0.53 3.35 2.31
CA ASP A 362 -0.19 4.49 1.76
C ASP A 362 0.23 5.88 2.19
N VAL A 363 -0.15 6.84 1.36
CA VAL A 363 0.16 8.24 1.59
C VAL A 363 -0.72 8.79 2.72
N GLY A 364 -0.37 9.98 3.21
CA GLY A 364 -1.13 10.59 4.27
C GLY A 364 -0.23 11.00 5.42
N VAL A 365 -0.51 12.16 6.00
CA VAL A 365 0.29 12.68 7.11
C VAL A 365 0.00 11.90 8.40
N TYR A 366 1.08 11.41 9.03
CA TYR A 366 1.00 10.63 10.26
C TYR A 366 1.08 11.48 11.51
N GLY A 367 1.64 12.68 11.39
CA GLY A 367 1.80 13.53 12.56
C GLY A 367 3.05 13.06 13.27
N GLN A 368 3.65 13.92 14.10
CA GLN A 368 4.87 13.56 14.82
C GLN A 368 4.70 12.23 15.57
N ASP A 369 5.62 11.30 15.32
CA ASP A 369 5.59 9.98 15.95
C ASP A 369 4.27 9.24 15.71
N ARG A 370 3.59 9.60 14.62
CA ARG A 370 2.32 8.96 14.28
C ARG A 370 1.26 9.19 15.34
N SER A 371 1.24 10.43 15.86
CA SER A 371 0.31 10.84 16.90
C SER A 371 -1.03 11.34 16.39
N ARG A 372 -1.17 11.52 15.07
CA ARG A 372 -2.41 12.01 14.51
C ARG A 372 -3.64 11.25 15.00
N ILE A 373 -4.68 12.00 15.39
CA ILE A 373 -5.93 11.41 15.87
C ILE A 373 -6.64 10.69 14.74
N LEU A 374 -7.08 9.47 15.00
CA LEU A 374 -7.77 8.68 13.99
C LEU A 374 -9.22 9.12 13.81
N GLU A 375 -9.68 9.09 12.56
CA GLU A 375 -11.05 9.48 12.23
C GLU A 375 -11.63 8.41 11.30
N PRO A 376 -12.96 8.35 11.19
CA PRO A 376 -13.60 7.35 10.33
C PRO A 376 -13.14 7.53 8.88
N GLY A 377 -12.96 6.41 8.19
CA GLY A 377 -12.52 6.48 6.80
C GLY A 377 -11.05 6.17 6.59
N MET A 378 -10.25 6.27 7.64
CA MET A 378 -8.83 5.95 7.53
C MET A 378 -8.68 4.44 7.53
N VAL A 379 -7.79 3.93 6.69
CA VAL A 379 -7.54 2.50 6.61
C VAL A 379 -6.08 2.25 6.98
N LEU A 380 -5.85 1.31 7.89
CA LEU A 380 -4.49 1.02 8.33
C LEU A 380 -4.30 -0.45 8.69
N THR A 381 -3.04 -0.82 8.84
CA THR A 381 -2.68 -2.19 9.20
C THR A 381 -2.40 -2.25 10.69
N VAL A 382 -2.44 -3.45 11.25
CA VAL A 382 -2.14 -3.65 12.66
C VAL A 382 -1.21 -4.85 12.58
N GLU A 383 0.07 -4.62 12.80
CA GLU A 383 1.04 -5.69 12.65
C GLU A 383 2.14 -5.84 13.69
N PRO A 384 1.78 -6.21 14.92
CA PRO A 384 2.84 -6.35 15.92
C PRO A 384 3.64 -7.60 15.57
N GLY A 385 4.87 -7.68 16.08
CA GLY A 385 5.69 -8.84 15.80
C GLY A 385 6.87 -8.86 16.75
N LEU A 386 7.47 -10.03 16.90
CA LEU A 386 8.64 -10.18 17.76
C LEU A 386 9.65 -10.98 16.96
N TYR A 387 10.88 -10.49 16.91
CA TYR A 387 11.92 -11.16 16.17
C TYR A 387 13.15 -11.33 17.05
N ILE A 388 13.45 -12.58 17.38
CA ILE A 388 14.57 -12.90 18.24
C ILE A 388 15.72 -13.48 17.42
N ALA A 389 16.78 -12.70 17.29
CA ALA A 389 17.96 -13.10 16.52
C ALA A 389 18.53 -14.46 16.93
N PRO A 390 19.09 -15.21 15.95
CA PRO A 390 19.68 -16.52 16.18
C PRO A 390 20.75 -16.47 17.26
N ASP A 391 21.42 -15.33 17.37
CA ASP A 391 22.47 -15.17 18.37
C ASP A 391 22.08 -14.23 19.51
N ALA A 392 20.79 -14.04 19.73
CA ALA A 392 20.35 -13.16 20.82
C ALA A 392 20.73 -13.82 22.14
N GLU A 393 21.07 -13.00 23.13
CA GLU A 393 21.44 -13.54 24.45
C GLU A 393 20.20 -13.73 25.31
N VAL A 394 19.47 -14.79 25.00
CA VAL A 394 18.24 -15.14 25.69
C VAL A 394 18.19 -16.66 25.74
N PRO A 395 17.22 -17.23 26.48
CA PRO A 395 17.13 -18.69 26.55
C PRO A 395 17.11 -19.29 25.14
N GLU A 396 17.95 -20.29 24.93
CA GLU A 396 18.10 -20.97 23.63
C GLU A 396 16.84 -21.25 22.84
N GLN A 397 15.76 -21.66 23.49
CA GLN A 397 14.53 -22.00 22.79
C GLN A 397 13.88 -20.85 22.04
N TYR A 398 14.28 -19.62 22.34
CA TYR A 398 13.68 -18.46 21.67
C TYR A 398 14.51 -17.88 20.52
N ARG A 399 15.80 -18.24 20.47
N ARG A 399 15.80 -18.24 20.47
CA ARG A 399 16.67 -17.75 19.42
CA ARG A 399 16.69 -17.76 19.43
C ARG A 399 16.22 -18.18 18.03
C ARG A 399 16.21 -18.18 18.04
N GLY A 400 16.29 -17.25 17.08
CA GLY A 400 15.88 -17.55 15.71
C GLY A 400 14.38 -17.62 15.45
N ILE A 401 13.57 -17.03 16.31
CA ILE A 401 12.13 -17.04 16.12
C ILE A 401 11.66 -15.68 15.60
N GLY A 402 10.91 -15.71 14.50
CA GLY A 402 10.39 -14.48 13.92
C GLY A 402 8.90 -14.65 13.71
N ILE A 403 8.11 -13.81 14.37
CA ILE A 403 6.66 -13.87 14.26
C ILE A 403 6.01 -12.51 14.08
N ARG A 404 5.07 -12.45 13.14
CA ARG A 404 4.32 -11.22 12.89
C ARG A 404 2.92 -11.66 12.50
N ILE A 405 1.92 -10.94 13.01
CA ILE A 405 0.52 -11.23 12.67
C ILE A 405 -0.05 -9.89 12.29
N GLU A 406 -0.52 -9.78 11.05
CA GLU A 406 -1.03 -8.51 10.55
C GLU A 406 -2.40 -8.56 9.89
N ASP A 407 -3.27 -7.64 10.32
CA ASP A 407 -4.62 -7.50 9.77
C ASP A 407 -4.79 -6.10 9.21
N ASP A 408 -5.78 -5.92 8.35
CA ASP A 408 -6.07 -4.62 7.77
C ASP A 408 -7.41 -4.15 8.31
N ILE A 409 -7.48 -2.91 8.78
CA ILE A 409 -8.73 -2.41 9.33
C ILE A 409 -9.10 -1.04 8.80
N VAL A 410 -10.39 -0.74 8.88
CA VAL A 410 -10.90 0.56 8.47
C VAL A 410 -11.59 1.15 9.69
N ILE A 411 -11.21 2.38 10.05
CA ILE A 411 -11.81 3.04 11.20
C ILE A 411 -13.27 3.39 10.88
N THR A 412 -14.17 3.02 11.79
CA THR A 412 -15.58 3.31 11.62
C THR A 412 -16.03 4.35 12.64
N GLU A 413 -17.32 4.68 12.61
CA GLU A 413 -17.88 5.66 13.53
C GLU A 413 -17.65 5.34 14.99
N THR A 414 -17.79 4.07 15.35
CA THR A 414 -17.63 3.64 16.73
C THR A 414 -16.38 2.81 17.05
N GLY A 415 -15.68 2.34 16.02
CA GLY A 415 -14.49 1.54 16.27
C GLY A 415 -13.76 1.27 14.97
N ASN A 416 -13.75 0.01 14.55
CA ASN A 416 -13.09 -0.34 13.31
C ASN A 416 -13.66 -1.65 12.80
N GLU A 417 -13.48 -1.89 11.50
CA GLU A 417 -13.94 -3.12 10.86
C GLU A 417 -12.71 -3.87 10.37
N ASN A 418 -12.56 -5.13 10.79
CA ASN A 418 -11.42 -5.93 10.37
C ASN A 418 -11.70 -6.50 9.00
N LEU A 419 -10.92 -6.11 8.01
CA LEU A 419 -11.11 -6.57 6.64
C LEU A 419 -10.45 -7.91 6.34
N THR A 420 -9.59 -8.38 7.24
CA THR A 420 -8.88 -9.61 7.01
C THR A 420 -9.03 -10.70 8.07
N ALA A 421 -10.11 -10.65 8.84
CA ALA A 421 -10.33 -11.65 9.88
C ALA A 421 -10.79 -13.00 9.35
N SER A 422 -11.08 -13.09 8.05
CA SER A 422 -11.54 -14.35 7.46
C SER A 422 -10.43 -15.42 7.36
N VAL A 423 -9.21 -15.09 7.75
CA VAL A 423 -8.12 -16.06 7.77
C VAL A 423 -7.72 -16.15 9.24
N VAL A 424 -7.81 -17.35 9.81
CA VAL A 424 -7.50 -17.58 11.22
C VAL A 424 -6.15 -17.09 11.72
N LYS A 425 -6.07 -16.81 13.02
CA LYS A 425 -4.84 -16.38 13.66
C LYS A 425 -4.65 -16.97 15.06
N LYS A 426 -5.74 -17.46 15.66
CA LYS A 426 -5.62 -18.09 16.98
C LYS A 426 -4.93 -19.43 16.78
N PRO A 427 -3.92 -19.74 17.60
CA PRO A 427 -3.17 -20.99 17.47
C PRO A 427 -3.99 -22.27 17.32
N GLU A 428 -4.98 -22.47 18.18
CA GLU A 428 -5.81 -23.67 18.10
C GLU A 428 -6.53 -23.73 16.76
N GLU A 429 -6.90 -22.58 16.23
CA GLU A 429 -7.61 -22.52 14.95
C GLU A 429 -6.67 -22.78 13.78
N ILE A 430 -5.42 -22.33 13.92
CA ILE A 430 -4.43 -22.55 12.87
C ILE A 430 -4.11 -24.05 12.79
N GLU A 431 -3.89 -24.67 13.94
CA GLU A 431 -3.58 -26.10 13.96
C GLU A 431 -4.75 -26.92 13.41
N ALA A 432 -5.96 -26.56 13.81
CA ALA A 432 -7.15 -27.27 13.34
C ALA A 432 -7.23 -27.18 11.82
N LEU A 433 -7.03 -25.97 11.29
CA LEU A 433 -7.08 -25.76 9.85
C LEU A 433 -6.08 -26.68 9.15
N MET A 434 -4.84 -26.66 9.61
CA MET A 434 -3.81 -27.48 9.00
C MET A 434 -4.05 -28.98 9.14
N VAL A 435 -4.50 -29.41 10.31
CA VAL A 435 -4.78 -30.83 10.53
C VAL A 435 -5.87 -31.30 9.56
N ALA A 436 -6.91 -30.48 9.41
CA ALA A 436 -8.02 -30.79 8.51
C ALA A 436 -7.56 -30.90 7.06
N ALA A 437 -6.64 -30.04 6.66
CA ALA A 437 -6.13 -30.04 5.29
C ALA A 437 -5.21 -31.21 5.04
N ARG A 438 -4.55 -31.67 6.09
CA ARG A 438 -3.61 -32.78 5.97
C ARG A 438 -4.26 -34.15 5.88
N LYS A 439 -5.58 -34.20 5.99
CA LYS A 439 -6.29 -35.47 5.85
C LYS A 439 -6.40 -35.73 4.35
N GLN A 440 -5.68 -34.89 3.59
CA GLN A 440 -5.60 -34.98 2.14
C GLN A 440 -4.20 -34.55 1.71
CB 01B B 1 4.84 -4.96 4.20
CA 01B B 1 4.76 -5.14 5.72
N 01B B 1 3.98 -5.98 3.51
O2 01B B 1 3.39 -5.22 6.16
C 01B B 1 5.45 -3.98 6.44
C6 01B B 1 6.30 -5.10 3.73
C7 01B B 1 6.59 -4.43 2.40
C8 01B B 1 7.44 -5.05 1.47
C9 01B B 1 7.78 -4.41 0.28
C10 01B B 1 7.29 -3.14 -0.01
C11 01B B 1 6.44 -2.51 0.90
C12 01B B 1 6.10 -3.16 2.10
O 01B B 1 5.19 -2.81 6.15
N PRO B 2 6.34 -4.30 7.39
CA PRO B 2 7.09 -3.32 8.17
C PRO B 2 7.51 -2.08 7.40
N PRO B 3 6.92 -0.93 7.78
CA PRO B 3 7.17 0.39 7.19
C PRO B 3 8.61 0.60 6.72
N ALA B 4 8.78 0.74 5.42
CA ALA B 4 10.10 0.97 4.83
C ALA B 4 10.25 2.43 4.44
N NH2 B 5 9.82 2.78 3.23
MN MN C . 1.75 -3.80 6.57
MN MN D . 2.61 -6.80 5.51
MN MN E . 15.14 -23.29 17.83
#